data_3U2W
#
_entry.id   3U2W
#
_cell.length_a   47.290
_cell.length_b   80.180
_cell.length_c   69.530
_cell.angle_alpha   90.00
_cell.angle_beta   100.67
_cell.angle_gamma   90.00
#
_symmetry.space_group_name_H-M   'P 1 21 1'
#
loop_
_entity.id
_entity.type
_entity.pdbx_description
1 polymer Glycogenin-1
2 non-polymer 'MANGANESE (II) ION'
3 non-polymer "URIDINE-5'-DIPHOSPHATE"
4 non-polymer GLYCEROL
5 non-polymer alpha-D-glucopyranose
6 non-polymer 1,5-anhydro-D-arabino-hex-1-enitol
7 water water
#
_entity_poly.entity_id   1
_entity_poly.type   'polypeptide(L)'
_entity_poly.pdbx_seq_one_letter_code
;SMTDQAFVTLTTNDAYAKGALVLGSSLKQHRTTRRLVVLATPQVSDSMRKVLETVFDEVIMVDVLDSGDSAHLTLMKRPE
LGVTLTKLHCWSLTQYSKCVFMDADTLVLANIDDLFDREELSAAPDPGWPDCFNSGVFVYQPSVETYNQLLHLASEQGSF
DGGDQGILNTFFSSWATTDIRKHLPFIYNLSSISIFSYLPAFKVFGASAKVVHFLGRVKPWNYTYDPKTKSVKSEAHDPN
MTHPEFLILWWNIFTTNVLPLLQ
;
_entity_poly.pdbx_strand_id   A,B
#
loop_
_chem_comp.id
_chem_comp.type
_chem_comp.name
_chem_comp.formula
GLC D-saccharide, alpha linking alpha-D-glucopyranose 'C6 H12 O6'
GOL non-polymer GLYCEROL 'C3 H8 O3'
LCN D-saccharide 1,5-anhydro-D-arabino-hex-1-enitol 'C6 H10 O5'
MN non-polymer 'MANGANESE (II) ION' 'Mn 2'
UDP RNA linking URIDINE-5'-DIPHOSPHATE 'C9 H14 N2 O12 P2'
#
# COMPACT_ATOMS: atom_id res chain seq x y z
N MET A 2 24.99 13.81 15.58
CA MET A 2 26.41 14.03 16.01
C MET A 2 26.71 13.16 17.26
N THR A 3 26.54 13.73 18.45
CA THR A 3 26.44 12.90 19.67
C THR A 3 24.97 12.85 20.09
N ASP A 4 24.18 13.69 19.42
CA ASP A 4 22.86 14.11 19.83
C ASP A 4 21.72 13.32 19.13
N GLN A 5 22.07 12.60 18.07
CA GLN A 5 21.09 11.93 17.23
C GLN A 5 21.56 10.54 16.94
N ALA A 6 20.62 9.61 16.80
CA ALA A 6 20.94 8.19 16.67
C ALA A 6 19.99 7.45 15.75
N PHE A 7 20.53 6.42 15.11
CA PHE A 7 19.73 5.31 14.57
C PHE A 7 19.56 4.28 15.68
N VAL A 8 18.35 3.78 15.82
CA VAL A 8 18.01 2.87 16.89
C VAL A 8 17.32 1.64 16.30
N THR A 9 17.78 0.47 16.68
CA THR A 9 17.10 -0.77 16.28
C THR A 9 16.82 -1.62 17.53
N LEU A 10 16.20 -2.77 17.30
CA LEU A 10 15.72 -3.67 18.35
C LEU A 10 16.00 -5.09 18.00
N THR A 11 16.53 -5.86 18.95
CA THR A 11 16.53 -7.31 18.84
C THR A 11 16.21 -7.99 20.16
N THR A 12 15.30 -8.95 20.11
CA THR A 12 14.95 -9.73 21.28
C THR A 12 15.54 -11.12 21.25
N ASN A 13 16.27 -11.46 20.19
CA ASN A 13 16.92 -12.75 20.10
C ASN A 13 18.12 -12.71 19.16
N ASP A 14 18.85 -13.81 19.08
CA ASP A 14 20.09 -13.88 18.28
C ASP A 14 19.81 -13.97 16.78
N ALA A 15 18.63 -14.41 16.38
CA ALA A 15 18.30 -14.43 14.94
C ALA A 15 18.13 -13.00 14.39
N TYR A 16 17.29 -12.21 15.03
CA TYR A 16 17.13 -10.84 14.62
C TYR A 16 18.41 -10.00 14.86
N ALA A 17 19.23 -10.45 15.80
CA ALA A 17 20.53 -9.82 16.02
C ALA A 17 21.39 -9.89 14.77
N LYS A 18 21.26 -10.95 13.96
CA LYS A 18 22.05 -11.03 12.73
C LYS A 18 21.56 -9.96 11.75
N GLY A 19 20.25 -9.76 11.71
CA GLY A 19 19.67 -8.63 11.00
C GLY A 19 20.21 -7.29 11.49
N ALA A 20 20.18 -7.10 12.80
CA ALA A 20 20.71 -5.88 13.37
C ALA A 20 22.16 -5.62 12.95
N LEU A 21 22.98 -6.67 12.95
CA LEU A 21 24.40 -6.55 12.59
C LEU A 21 24.55 -6.12 11.13
N VAL A 22 23.75 -6.68 10.24
CA VAL A 22 23.78 -6.30 8.83
C VAL A 22 23.32 -4.82 8.64
N LEU A 23 22.21 -4.46 9.28
CA LEU A 23 21.73 -3.08 9.28
C LEU A 23 22.84 -2.10 9.75
N GLY A 24 23.46 -2.41 10.89
CA GLY A 24 24.52 -1.59 11.45
C GLY A 24 25.68 -1.42 10.49
N SER A 25 26.09 -2.52 9.91
CA SER A 25 27.18 -2.52 8.94
CA SER A 25 27.18 -2.49 8.96
C SER A 25 26.84 -1.63 7.76
N SER A 26 25.59 -1.75 7.28
CA SER A 26 25.15 -0.97 6.14
C SER A 26 25.13 0.54 6.44
N LEU A 27 24.70 0.90 7.65
CA LEU A 27 24.73 2.32 8.07
C LEU A 27 26.15 2.87 8.10
N LYS A 28 27.09 2.06 8.56
CA LYS A 28 28.49 2.44 8.59
C LYS A 28 29.09 2.47 7.17
N GLN A 29 28.68 1.54 6.31
CA GLN A 29 29.14 1.52 4.91
C GLN A 29 28.80 2.85 4.21
N HIS A 30 27.61 3.37 4.50
CA HIS A 30 27.12 4.62 3.89
C HIS A 30 27.37 5.88 4.74
N ARG A 31 28.31 5.74 5.67
CA ARG A 31 28.98 6.85 6.33
C ARG A 31 28.01 7.74 7.08
N THR A 32 27.15 7.14 7.91
CA THR A 32 26.35 7.97 8.77
C THR A 32 27.27 8.70 9.74
N THR A 33 26.89 9.92 10.11
CA THR A 33 27.62 10.64 11.13
C THR A 33 26.92 10.53 12.49
N ARG A 34 25.82 9.78 12.54
CA ARG A 34 25.02 9.64 13.76
C ARG A 34 25.45 8.43 14.58
N ARG A 35 24.92 8.36 15.80
CA ARG A 35 25.19 7.25 16.70
C ARG A 35 24.35 6.06 16.27
N LEU A 36 24.84 4.85 16.58
CA LEU A 36 24.13 3.59 16.30
C LEU A 36 23.86 2.90 17.61
N VAL A 37 22.59 2.61 17.88
CA VAL A 37 22.17 2.02 19.13
C VAL A 37 21.28 0.82 18.86
N VAL A 38 21.42 -0.21 19.67
CA VAL A 38 20.53 -1.34 19.59
C VAL A 38 19.93 -1.63 20.96
N LEU A 39 18.60 -1.69 21.01
CA LEU A 39 17.84 -2.18 22.18
C LEU A 39 17.82 -3.72 22.17
N ALA A 40 18.25 -4.35 23.27
CA ALA A 40 18.34 -5.80 23.36
C ALA A 40 17.67 -6.25 24.63
N THR A 41 17.08 -7.43 24.59
CA THR A 41 16.41 -8.01 25.74
C THR A 41 17.23 -9.21 26.24
N PRO A 42 16.88 -9.76 27.40
CA PRO A 42 17.71 -10.83 27.98
C PRO A 42 17.90 -12.15 27.19
N GLN A 43 17.00 -12.45 26.24
CA GLN A 43 17.11 -13.64 25.40
C GLN A 43 18.28 -13.51 24.42
N VAL A 44 18.74 -12.29 24.15
CA VAL A 44 19.95 -12.13 23.36
C VAL A 44 21.13 -12.66 24.18
N SER A 45 21.85 -13.64 23.63
CA SER A 45 22.94 -14.28 24.35
C SER A 45 24.06 -13.32 24.70
N ASP A 46 24.79 -13.65 25.75
CA ASP A 46 25.89 -12.84 26.24
C ASP A 46 26.88 -12.61 25.11
N SER A 47 27.17 -13.68 24.38
CA SER A 47 28.16 -13.65 23.30
C SER A 47 27.65 -12.82 22.13
N MET A 48 26.36 -12.90 21.82
CA MET A 48 25.79 -12.02 20.81
C MET A 48 25.80 -10.56 21.26
N ARG A 49 25.54 -10.28 22.54
CA ARG A 49 25.60 -8.90 22.98
C ARG A 49 27.00 -8.30 22.74
N LYS A 50 28.03 -9.08 23.02
CA LYS A 50 29.41 -8.61 22.79
C LYS A 50 29.69 -8.32 21.32
N VAL A 51 29.17 -9.16 20.43
CA VAL A 51 29.29 -8.91 19.01
C VAL A 51 28.51 -7.65 18.62
N LEU A 52 27.30 -7.47 19.13
CA LEU A 52 26.55 -6.26 18.85
C LEU A 52 27.34 -5.01 19.25
N GLU A 53 28.07 -5.10 20.37
CA GLU A 53 28.91 -4.01 20.84
C GLU A 53 30.05 -3.62 19.91
N THR A 54 30.45 -4.53 19.02
CA THR A 54 31.56 -4.23 18.10
C THR A 54 31.06 -3.37 16.93
N VAL A 55 29.74 -3.39 16.67
CA VAL A 55 29.12 -2.67 15.55
C VAL A 55 28.35 -1.42 16.00
N PHE A 56 27.53 -1.59 17.03
CA PHE A 56 26.77 -0.50 17.61
C PHE A 56 27.59 0.27 18.62
N ASP A 57 27.34 1.57 18.69
CA ASP A 57 27.99 2.42 19.66
C ASP A 57 27.53 2.08 21.07
N GLU A 58 26.29 1.61 21.19
CA GLU A 58 25.80 1.17 22.48
C GLU A 58 24.72 0.10 22.31
N VAL A 59 24.82 -0.92 23.16
CA VAL A 59 23.76 -1.91 23.36
C VAL A 59 23.04 -1.54 24.66
N ILE A 60 21.75 -1.26 24.54
CA ILE A 60 20.93 -0.88 25.70
C ILE A 60 20.00 -2.05 26.07
N MET A 61 20.23 -2.61 27.27
CA MET A 61 19.39 -3.70 27.73
C MET A 61 18.04 -3.15 28.18
N VAL A 62 16.97 -3.74 27.68
CA VAL A 62 15.62 -3.35 28.06
C VAL A 62 14.78 -4.58 28.39
N ASP A 63 13.65 -4.36 29.07
CA ASP A 63 12.72 -5.43 29.37
C ASP A 63 11.86 -5.69 28.15
N VAL A 64 11.58 -6.96 27.89
CA VAL A 64 10.56 -7.32 26.90
C VAL A 64 9.19 -6.77 27.30
N LEU A 65 8.51 -6.20 26.33
CA LEU A 65 7.14 -5.74 26.46
C LEU A 65 6.37 -6.57 25.44
N ASP A 66 5.39 -7.30 25.92
CA ASP A 66 4.70 -8.28 25.08
C ASP A 66 3.21 -7.99 25.20
N SER A 67 2.55 -7.71 24.08
CA SER A 67 1.11 -7.45 24.10
C SER A 67 0.31 -8.62 24.63
N GLY A 68 0.81 -9.83 24.38
CA GLY A 68 0.08 -11.05 24.71
C GLY A 68 -1.22 -11.19 23.93
N ASP A 69 -1.37 -10.42 22.85
CA ASP A 69 -2.64 -10.30 22.17
C ASP A 69 -2.74 -11.35 21.06
N SER A 70 -2.94 -12.61 21.44
CA SER A 70 -3.02 -13.68 20.44
C SER A 70 -4.11 -13.45 19.38
N ALA A 71 -5.27 -12.94 19.79
CA ALA A 71 -6.35 -12.69 18.84
C ALA A 71 -5.95 -11.74 17.71
N HIS A 72 -5.34 -10.60 18.04
CA HIS A 72 -4.98 -9.64 16.99
C HIS A 72 -3.71 -10.06 16.27
N LEU A 73 -2.79 -10.74 16.95
CA LEU A 73 -1.61 -11.30 16.26
C LEU A 73 -2.04 -12.40 15.27
N THR A 74 -3.12 -13.11 15.54
CA THR A 74 -3.66 -14.12 14.60
C THR A 74 -4.24 -13.45 13.34
N LEU A 75 -4.93 -12.34 13.54
CA LEU A 75 -5.38 -11.53 12.38
C LEU A 75 -4.17 -11.07 11.55
N MET A 76 -3.12 -10.68 12.25
CA MET A 76 -1.89 -10.22 11.57
C MET A 76 -1.13 -11.37 10.89
N LYS A 77 -1.39 -12.61 11.34
CA LYS A 77 -0.75 -13.85 10.83
C LYS A 77 0.68 -14.01 11.33
N ARG A 78 1.00 -13.34 12.44
CA ARG A 78 2.32 -13.37 13.02
C ARG A 78 2.28 -13.53 14.55
N PRO A 79 2.10 -14.77 15.04
CA PRO A 79 1.86 -15.01 16.47
C PRO A 79 3.04 -14.65 17.35
N GLU A 80 4.22 -14.50 16.75
CA GLU A 80 5.47 -14.14 17.45
C GLU A 80 5.68 -12.65 17.69
N LEU A 81 4.87 -11.81 17.05
CA LEU A 81 5.13 -10.38 17.07
C LEU A 81 4.57 -9.59 18.27
N GLY A 82 4.07 -10.27 19.30
CA GLY A 82 3.63 -9.57 20.50
C GLY A 82 4.77 -8.81 21.18
N VAL A 83 5.99 -9.33 21.03
CA VAL A 83 7.19 -8.72 21.62
C VAL A 83 7.62 -7.44 20.95
N THR A 84 7.00 -7.09 19.82
CA THR A 84 7.34 -5.82 19.18
C THR A 84 6.92 -4.58 19.96
N LEU A 85 6.11 -4.74 21.00
CA LEU A 85 5.82 -3.60 21.89
C LEU A 85 7.10 -3.10 22.56
N THR A 86 8.12 -3.95 22.62
CA THR A 86 9.45 -3.59 23.15
C THR A 86 10.04 -2.37 22.45
N LYS A 87 9.65 -2.20 21.19
CA LYS A 87 10.03 -1.02 20.41
C LYS A 87 9.73 0.30 21.12
N LEU A 88 8.70 0.31 21.96
CA LEU A 88 8.25 1.57 22.60
C LEU A 88 9.34 2.18 23.49
N HIS A 89 10.24 1.34 24.01
CA HIS A 89 11.39 1.79 24.81
C HIS A 89 12.26 2.77 24.02
N CYS A 90 12.10 2.80 22.70
CA CYS A 90 12.90 3.75 21.91
C CYS A 90 12.65 5.22 22.33
N TRP A 91 11.46 5.51 22.84
CA TRP A 91 11.12 6.86 23.30
C TRP A 91 11.76 7.24 24.64
N SER A 92 12.32 6.27 25.35
CA SER A 92 13.00 6.52 26.61
C SER A 92 14.40 7.07 26.43
N LEU A 93 14.88 7.08 25.19
CA LEU A 93 16.32 7.39 24.93
C LEU A 93 16.59 8.89 24.85
N THR A 94 16.30 9.59 25.95
CA THR A 94 16.40 11.06 25.98
C THR A 94 17.84 11.58 25.99
N GLN A 95 18.80 10.67 26.00
CA GLN A 95 20.18 11.05 25.67
C GLN A 95 20.31 11.62 24.24
N TYR A 96 19.31 11.35 23.39
CA TYR A 96 19.23 11.88 22.01
C TYR A 96 18.03 12.80 21.85
N SER A 97 18.19 13.85 21.05
CA SER A 97 17.11 14.78 20.79
C SER A 97 16.21 14.33 19.63
N LYS A 98 16.76 13.51 18.74
CA LYS A 98 16.03 12.96 17.62
C LYS A 98 16.68 11.66 17.19
N CYS A 99 15.85 10.69 16.82
CA CYS A 99 16.28 9.38 16.40
C CYS A 99 15.50 8.89 15.18
N VAL A 100 16.14 7.98 14.45
CA VAL A 100 15.46 7.16 13.45
C VAL A 100 15.40 5.74 13.97
N PHE A 101 14.18 5.27 14.24
CA PHE A 101 14.03 3.84 14.51
C PHE A 101 14.03 3.06 13.21
N MET A 102 14.77 1.96 13.17
CA MET A 102 14.78 1.01 12.04
C MET A 102 14.69 -0.42 12.50
N ASP A 103 13.78 -1.16 11.88
CA ASP A 103 13.61 -2.58 12.16
C ASP A 103 14.94 -3.32 11.89
N ALA A 104 15.15 -4.40 12.63
CA ALA A 104 16.32 -5.24 12.45
C ALA A 104 16.35 -5.95 11.11
N ASP A 105 15.18 -6.06 10.44
CA ASP A 105 15.12 -6.63 9.08
C ASP A 105 15.12 -5.57 7.99
N THR A 106 15.87 -4.50 8.20
CA THR A 106 16.10 -3.48 7.19
C THR A 106 17.58 -3.47 6.78
N LEU A 107 17.82 -2.77 5.68
CA LEU A 107 19.13 -2.72 5.05
C LEU A 107 19.24 -1.40 4.32
N VAL A 108 20.32 -0.65 4.61
CA VAL A 108 20.52 0.69 4.10
C VAL A 108 21.38 0.59 2.85
N LEU A 109 20.94 1.31 1.81
CA LEU A 109 21.54 1.31 0.48
C LEU A 109 22.18 2.65 0.05
N ALA A 110 22.00 3.68 0.86
CA ALA A 110 22.57 5.02 0.60
C ALA A 110 22.54 5.74 1.91
N ASN A 111 23.27 6.83 2.01
CA ASN A 111 23.24 7.62 3.23
C ASN A 111 21.81 8.20 3.39
N ILE A 112 21.25 8.07 4.59
CA ILE A 112 19.90 8.54 4.90
C ILE A 112 19.89 9.48 6.09
N ASP A 113 21.01 10.17 6.31
CA ASP A 113 21.08 11.16 7.38
C ASP A 113 20.13 12.35 7.17
N ASP A 114 19.65 12.57 5.93
CA ASP A 114 18.66 13.61 5.70
C ASP A 114 17.32 13.34 6.39
N LEU A 115 17.11 12.12 6.85
CA LEU A 115 15.96 11.85 7.71
C LEU A 115 15.91 12.71 8.96
N PHE A 116 17.06 13.18 9.43
CA PHE A 116 17.09 13.93 10.68
C PHE A 116 16.59 15.36 10.46
N ASP A 117 16.26 15.71 9.22
CA ASP A 117 15.55 16.95 8.93
C ASP A 117 14.05 16.83 9.23
N ARG A 118 13.56 15.59 9.36
CA ARG A 118 12.15 15.33 9.59
C ARG A 118 11.80 15.50 11.06
N GLU A 119 10.50 15.68 11.32
CA GLU A 119 9.90 15.87 12.66
CA GLU A 119 10.06 15.78 12.70
C GLU A 119 9.13 14.63 13.09
N GLU A 120 9.03 14.41 14.38
CA GLU A 120 8.13 13.36 14.87
C GLU A 120 6.68 13.65 14.44
N LEU A 121 5.90 12.68 14.00
CA LEU A 121 6.28 11.33 13.63
C LEU A 121 6.31 11.24 12.10
N SER A 122 7.51 11.04 11.54
CA SER A 122 7.68 10.85 10.10
C SER A 122 7.96 9.39 9.76
N ALA A 123 7.19 8.86 8.82
CA ALA A 123 7.24 7.44 8.45
C ALA A 123 6.68 7.31 7.03
N ALA A 124 6.97 6.18 6.40
CA ALA A 124 6.50 5.91 5.05
C ALA A 124 5.19 5.14 5.15
N PRO A 125 4.37 5.17 4.08
CA PRO A 125 3.14 4.36 4.04
C PRO A 125 3.39 2.88 4.10
N ASP A 126 2.52 2.16 4.81
CA ASP A 126 2.51 0.71 4.79
C ASP A 126 2.14 0.23 3.38
N PRO A 127 2.80 -0.85 2.90
CA PRO A 127 2.58 -1.28 1.54
C PRO A 127 1.22 -1.95 1.32
N GLY A 128 0.63 -2.52 2.40
CA GLY A 128 -0.66 -3.14 2.28
C GLY A 128 -1.86 -2.26 2.57
N TRP A 129 -1.72 -1.39 3.57
CA TRP A 129 -2.77 -0.51 4.03
C TRP A 129 -2.17 0.87 4.15
N PRO A 130 -2.04 1.59 3.02
CA PRO A 130 -1.18 2.77 3.03
C PRO A 130 -1.69 4.00 3.80
N ASP A 131 -2.92 3.95 4.27
CA ASP A 131 -3.40 4.98 5.22
C ASP A 131 -2.76 4.84 6.60
N CYS A 132 -2.18 3.68 6.89
CA CYS A 132 -1.36 3.53 8.06
C CYS A 132 0.09 3.70 7.64
N PHE A 133 0.92 4.21 8.54
CA PHE A 133 2.37 4.18 8.29
C PHE A 133 2.96 2.87 8.70
N ASN A 134 3.99 2.45 7.99
CA ASN A 134 4.74 1.28 8.39
C ASN A 134 5.68 1.69 9.52
N SER A 135 5.69 0.92 10.60
CA SER A 135 6.54 1.27 11.77
C SER A 135 7.96 0.69 11.75
N GLY A 136 8.42 0.20 10.59
CA GLY A 136 9.77 -0.31 10.43
C GLY A 136 10.86 0.74 10.26
N VAL A 137 10.47 1.97 9.90
CA VAL A 137 11.38 3.11 9.76
C VAL A 137 10.62 4.37 10.16
N PHE A 138 11.08 5.07 11.20
CA PHE A 138 10.39 6.27 11.61
C PHE A 138 11.28 7.25 12.36
N VAL A 139 11.00 8.52 12.18
CA VAL A 139 11.76 9.57 12.77
C VAL A 139 10.95 10.04 13.95
N TYR A 140 11.57 10.08 15.12
CA TYR A 140 10.86 10.41 16.34
C TYR A 140 11.75 11.17 17.29
N GLN A 141 11.13 11.70 18.34
CA GLN A 141 11.85 12.48 19.35
C GLN A 141 11.68 11.84 20.71
N PRO A 142 12.77 11.28 21.24
CA PRO A 142 12.65 10.74 22.59
C PRO A 142 12.08 11.73 23.57
N SER A 143 11.27 11.21 24.49
CA SER A 143 10.57 12.04 25.43
C SER A 143 10.01 11.17 26.57
N VAL A 144 10.28 11.55 27.81
CA VAL A 144 9.74 10.78 28.93
C VAL A 144 8.21 10.86 28.90
N GLU A 145 7.69 12.03 28.51
CA GLU A 145 6.26 12.21 28.39
C GLU A 145 5.65 11.25 27.36
N THR A 146 6.15 11.30 26.14
CA THR A 146 5.62 10.47 25.05
C THR A 146 5.79 8.97 25.38
N TYR A 147 6.94 8.63 25.95
CA TYR A 147 7.22 7.24 26.36
C TYR A 147 6.14 6.75 27.31
N ASN A 148 5.86 7.54 28.34
CA ASN A 148 4.83 7.16 29.33
C ASN A 148 3.42 7.07 28.73
N GLN A 149 3.14 7.98 27.83
CA GLN A 149 1.82 8.02 27.18
C GLN A 149 1.65 6.77 26.35
N LEU A 150 2.70 6.39 25.63
CA LEU A 150 2.71 5.17 24.79
C LEU A 150 2.56 3.90 25.61
N LEU A 151 3.32 3.79 26.69
CA LEU A 151 3.20 2.63 27.58
C LEU A 151 1.79 2.54 28.11
N HIS A 152 1.23 3.69 28.50
CA HIS A 152 -0.11 3.71 29.05
C HIS A 152 -1.15 3.24 28.04
N LEU A 153 -1.07 3.78 26.83
CA LEU A 153 -2.02 3.41 25.79
C LEU A 153 -1.95 1.91 25.50
N ALA A 154 -0.72 1.37 25.49
CA ALA A 154 -0.49 -0.05 25.21
C ALA A 154 -1.09 -0.92 26.30
N SER A 155 -0.96 -0.48 27.56
CA SER A 155 -1.52 -1.27 28.65
C SER A 155 -3.03 -1.12 28.75
N GLU A 156 -3.57 0.06 28.45
CA GLU A 156 -5.00 0.32 28.61
CA GLU A 156 -5.01 0.31 28.62
C GLU A 156 -5.83 -0.19 27.43
N GLN A 157 -5.35 0.04 26.21
CA GLN A 157 -6.10 -0.28 25.01
C GLN A 157 -5.48 -1.38 24.16
N GLY A 158 -4.18 -1.63 24.36
CA GLY A 158 -3.47 -2.58 23.52
C GLY A 158 -3.28 -1.99 22.13
N SER A 159 -3.08 -2.89 21.16
CA SER A 159 -2.80 -2.52 19.78
C SER A 159 -3.74 -3.29 18.88
N PHE A 160 -4.29 -2.59 17.90
CA PHE A 160 -5.23 -3.24 16.95
C PHE A 160 -4.62 -4.39 16.13
N ASP A 161 -3.29 -4.44 16.03
CA ASP A 161 -2.60 -5.56 15.38
C ASP A 161 -1.77 -6.47 16.32
N GLY A 162 -1.87 -6.23 17.62
CA GLY A 162 -1.06 -6.97 18.60
C GLY A 162 0.39 -6.59 18.71
N GLY A 163 0.86 -5.63 17.90
CA GLY A 163 2.27 -5.24 17.89
C GLY A 163 2.40 -3.72 17.90
N ASP A 164 3.60 -3.24 17.64
CA ASP A 164 3.84 -1.79 17.76
C ASP A 164 3.13 -1.00 16.70
N GLN A 165 2.96 -1.57 15.51
CA GLN A 165 2.40 -0.74 14.43
C GLN A 165 0.98 -0.22 14.69
N GLY A 166 0.11 -1.05 15.26
CA GLY A 166 -1.24 -0.64 15.57
C GLY A 166 -1.25 0.50 16.55
N ILE A 167 -0.65 0.29 17.70
CA ILE A 167 -0.66 1.31 18.74
CA ILE A 167 -0.68 1.30 18.73
C ILE A 167 0.02 2.59 18.26
N LEU A 168 1.09 2.49 17.49
CA LEU A 168 1.78 3.73 17.00
C LEU A 168 0.87 4.51 16.03
N ASN A 169 0.16 3.80 15.15
CA ASN A 169 -0.78 4.43 14.24
C ASN A 169 -1.93 5.09 14.99
N THR A 170 -2.40 4.44 16.06
CA THR A 170 -3.44 4.99 16.92
C THR A 170 -2.99 6.27 17.64
N PHE A 171 -1.82 6.19 18.27
CA PHE A 171 -1.29 7.32 18.99
C PHE A 171 -1.00 8.50 18.03
N PHE A 172 -0.36 8.20 16.91
CA PHE A 172 -0.05 9.24 15.91
C PHE A 172 -1.06 9.33 14.76
N SER A 173 -2.34 9.26 15.07
CA SER A 173 -3.36 9.13 14.01
C SER A 173 -3.56 10.33 13.06
N SER A 174 -2.93 11.47 13.29
CA SER A 174 -2.99 12.53 12.26
C SER A 174 -2.16 12.25 10.98
N TRP A 175 -1.36 11.20 11.00
CA TRP A 175 -0.29 10.99 10.02
C TRP A 175 -0.81 10.98 8.57
N ALA A 176 -1.86 10.23 8.29
CA ALA A 176 -2.33 10.10 6.92
C ALA A 176 -2.87 11.39 6.28
N THR A 177 -3.32 12.34 7.09
CA THR A 177 -4.08 13.50 6.54
C THR A 177 -3.53 14.88 6.88
N THR A 178 -2.59 15.01 7.82
CA THR A 178 -2.29 16.33 8.38
C THR A 178 -1.14 17.12 7.72
N ASP A 179 -0.01 16.46 7.50
CA ASP A 179 1.23 17.15 7.14
C ASP A 179 2.07 16.25 6.23
N ILE A 180 2.11 16.62 4.96
CA ILE A 180 2.80 15.80 3.97
C ILE A 180 4.32 15.69 4.22
N ARG A 181 4.89 16.64 4.96
CA ARG A 181 6.32 16.57 5.31
C ARG A 181 6.63 15.47 6.31
N LYS A 182 5.60 14.86 6.90
CA LYS A 182 5.81 13.68 7.74
C LYS A 182 5.62 12.36 6.99
N HIS A 183 5.38 12.43 5.69
CA HIS A 183 5.39 11.25 4.84
C HIS A 183 6.77 11.06 4.25
N LEU A 184 7.44 9.99 4.64
CA LEU A 184 8.71 9.64 4.00
C LEU A 184 8.37 8.98 2.66
N PRO A 185 9.17 9.25 1.63
CA PRO A 185 9.03 8.48 0.42
C PRO A 185 9.23 6.99 0.66
N PHE A 186 8.47 6.20 -0.10
CA PHE A 186 8.49 4.74 0.01
C PHE A 186 9.91 4.16 -0.14
N ILE A 187 10.77 4.86 -0.88
CA ILE A 187 12.16 4.40 -1.05
C ILE A 187 12.99 4.44 0.26
N TYR A 188 12.48 5.10 1.32
CA TYR A 188 13.10 5.05 2.65
C TYR A 188 12.57 3.86 3.50
N ASN A 189 11.66 3.06 2.94
CA ASN A 189 11.13 1.86 3.60
C ASN A 189 10.45 1.00 2.57
N LEU A 190 11.28 0.42 1.70
CA LEU A 190 10.77 -0.26 0.51
C LEU A 190 10.47 -1.67 0.98
N SER A 191 9.20 -1.89 1.31
CA SER A 191 8.80 -2.97 2.19
C SER A 191 7.87 -3.98 1.55
N SER A 192 7.64 -3.85 0.25
CA SER A 192 6.71 -4.67 -0.48
C SER A 192 7.35 -5.84 -1.25
N ILE A 193 8.66 -5.91 -1.33
CA ILE A 193 9.27 -6.84 -2.31
C ILE A 193 8.97 -8.30 -1.98
N SER A 194 9.03 -8.65 -0.68
CA SER A 194 8.84 -10.06 -0.25
C SER A 194 7.39 -10.53 -0.26
N ILE A 195 6.43 -9.61 -0.28
CA ILE A 195 5.02 -9.96 -0.18
C ILE A 195 4.12 -9.58 -1.37
N PHE A 196 4.64 -8.82 -2.34
CA PHE A 196 3.87 -8.56 -3.56
C PHE A 196 4.58 -9.21 -4.76
N SER A 197 3.85 -10.02 -5.51
CA SER A 197 4.41 -10.75 -6.66
C SER A 197 4.79 -9.83 -7.84
N TYR A 198 3.87 -8.95 -8.22
CA TYR A 198 4.02 -8.09 -9.40
C TYR A 198 4.08 -6.62 -9.01
N LEU A 199 5.25 -6.00 -9.13
CA LEU A 199 5.42 -4.58 -8.80
C LEU A 199 6.01 -3.80 -9.98
N PRO A 200 5.17 -3.43 -10.98
CA PRO A 200 5.69 -2.67 -12.15
C PRO A 200 6.45 -1.40 -11.77
N ALA A 201 5.99 -0.70 -10.73
CA ALA A 201 6.64 0.50 -10.21
C ALA A 201 8.08 0.24 -9.76
N PHE A 202 8.36 -0.94 -9.22
CA PHE A 202 9.73 -1.26 -8.80
C PHE A 202 10.71 -1.24 -9.97
N LYS A 203 10.28 -1.76 -11.10
CA LYS A 203 11.14 -1.82 -12.27
C LYS A 203 11.61 -0.43 -12.70
N VAL A 204 10.76 0.59 -12.56
CA VAL A 204 11.18 1.94 -12.95
C VAL A 204 11.71 2.79 -11.79
N PHE A 205 11.29 2.49 -10.56
CA PHE A 205 11.70 3.28 -9.41
C PHE A 205 12.60 2.52 -8.40
N GLY A 206 12.72 1.20 -8.54
CA GLY A 206 13.44 0.38 -7.56
C GLY A 206 14.92 0.69 -7.39
N ALA A 207 15.56 1.12 -8.46
CA ALA A 207 17.00 1.41 -8.43
C ALA A 207 17.33 2.56 -7.47
N SER A 208 16.33 3.33 -7.07
CA SER A 208 16.56 4.47 -6.21
C SER A 208 16.29 4.13 -4.75
N ALA A 209 16.09 2.85 -4.44
CA ALA A 209 15.79 2.44 -3.08
C ALA A 209 16.92 2.91 -2.16
N LYS A 210 16.53 3.48 -1.03
CA LYS A 210 17.49 3.91 0.03
C LYS A 210 17.51 2.95 1.20
N VAL A 211 16.36 2.36 1.51
CA VAL A 211 16.22 1.36 2.56
C VAL A 211 15.31 0.24 2.05
N VAL A 212 15.76 -0.99 2.12
CA VAL A 212 14.90 -2.14 1.81
C VAL A 212 14.55 -2.81 3.13
N HIS A 213 13.32 -3.26 3.23
CA HIS A 213 12.76 -3.79 4.47
C HIS A 213 12.11 -5.12 4.14
N PHE A 214 12.68 -6.20 4.69
CA PHE A 214 12.25 -7.57 4.43
C PHE A 214 11.03 -7.95 5.24
N LEU A 215 10.05 -7.06 5.18
CA LEU A 215 8.76 -7.21 5.86
C LEU A 215 8.10 -8.51 5.51
N GLY A 216 7.47 -9.12 6.50
CA GLY A 216 6.80 -10.40 6.33
C GLY A 216 7.48 -11.57 7.01
N ARG A 217 6.88 -12.75 6.96
CA ARG A 217 7.36 -13.85 7.80
C ARG A 217 8.74 -14.35 7.38
N VAL A 218 9.06 -14.23 6.10
CA VAL A 218 10.33 -14.76 5.58
C VAL A 218 11.42 -13.69 5.75
N LYS A 219 12.45 -14.02 6.53
CA LYS A 219 13.57 -13.11 6.74
C LYS A 219 14.81 -13.58 6.00
N PRO A 220 15.72 -12.63 5.68
CA PRO A 220 16.86 -13.08 4.85
C PRO A 220 17.70 -14.19 5.49
N TRP A 221 17.81 -14.13 6.81
CA TRP A 221 18.54 -15.15 7.55
C TRP A 221 17.87 -16.52 7.63
N ASN A 222 16.64 -16.65 7.13
CA ASN A 222 15.95 -17.96 7.04
C ASN A 222 16.34 -18.74 5.78
N TYR A 223 16.98 -18.06 4.82
CA TYR A 223 17.47 -18.73 3.61
C TYR A 223 18.76 -19.50 3.81
N THR A 224 18.94 -20.55 3.02
CA THR A 224 20.21 -21.22 2.92
C THR A 224 20.96 -20.54 1.79
N TYR A 225 22.10 -19.95 2.13
CA TYR A 225 22.94 -19.25 1.19
C TYR A 225 24.21 -20.03 0.96
N ASP A 226 24.57 -20.19 -0.32
CA ASP A 226 25.83 -20.84 -0.70
C ASP A 226 26.83 -19.75 -1.10
N PRO A 227 27.80 -19.46 -0.22
CA PRO A 227 28.72 -18.36 -0.55
C PRO A 227 29.70 -18.66 -1.70
N LYS A 228 29.81 -19.91 -2.15
CA LYS A 228 30.66 -20.23 -3.29
C LYS A 228 30.08 -19.65 -4.57
N THR A 229 28.82 -20.01 -4.85
CA THR A 229 28.14 -19.61 -6.09
C THR A 229 27.27 -18.35 -5.90
N LYS A 230 27.05 -17.96 -4.64
CA LYS A 230 26.27 -16.80 -4.25
C LYS A 230 24.77 -17.03 -4.58
N SER A 231 24.35 -18.28 -4.49
CA SER A 231 22.94 -18.62 -4.65
C SER A 231 22.26 -18.80 -3.29
N VAL A 232 20.97 -18.47 -3.25
CA VAL A 232 20.10 -18.89 -2.16
C VAL A 232 19.17 -19.95 -2.67
N LYS A 233 18.99 -21.02 -1.89
CA LYS A 233 17.99 -22.03 -2.22
C LYS A 233 16.64 -21.35 -2.20
N SER A 234 16.02 -21.23 -3.38
CA SER A 234 14.79 -20.48 -3.57
C SER A 234 13.61 -21.29 -3.08
N GLU A 235 12.91 -20.70 -2.13
CA GLU A 235 11.89 -21.40 -1.35
C GLU A 235 10.55 -21.42 -2.05
N ALA A 236 10.37 -22.41 -2.92
CA ALA A 236 9.10 -22.56 -3.62
C ALA A 236 8.67 -21.22 -4.21
N HIS A 237 7.37 -20.99 -4.35
CA HIS A 237 6.85 -19.69 -4.75
C HIS A 237 7.44 -18.60 -3.82
N ASP A 238 8.06 -17.57 -4.40
CA ASP A 238 8.88 -16.64 -3.61
C ASP A 238 9.11 -15.29 -4.30
N PRO A 239 8.39 -14.24 -3.88
CA PRO A 239 8.54 -12.94 -4.54
C PRO A 239 9.94 -12.32 -4.42
N ASN A 240 10.71 -12.71 -3.40
CA ASN A 240 12.10 -12.28 -3.30
C ASN A 240 12.90 -12.65 -4.55
N MET A 241 12.52 -13.72 -5.22
CA MET A 241 13.32 -14.19 -6.36
C MET A 241 12.94 -13.50 -7.68
N THR A 242 11.87 -12.71 -7.66
CA THR A 242 11.56 -11.84 -8.79
C THR A 242 12.55 -10.69 -8.86
N HIS A 243 12.92 -10.18 -7.69
CA HIS A 243 13.87 -9.10 -7.57
C HIS A 243 14.86 -9.44 -6.45
N PRO A 244 15.79 -10.42 -6.69
CA PRO A 244 16.60 -10.91 -5.58
C PRO A 244 17.81 -10.06 -5.20
N GLU A 245 18.01 -8.90 -5.85
CA GLU A 245 19.21 -8.08 -5.56
C GLU A 245 19.40 -7.75 -4.10
N PHE A 246 18.31 -7.45 -3.39
CA PHE A 246 18.43 -7.06 -2.00
C PHE A 246 18.74 -8.21 -1.08
N LEU A 247 18.10 -9.35 -1.31
CA LEU A 247 18.40 -10.56 -0.55
C LEU A 247 19.87 -11.02 -0.74
N ILE A 248 20.33 -10.95 -1.98
CA ILE A 248 21.73 -11.21 -2.34
C ILE A 248 22.69 -10.27 -1.59
N LEU A 249 22.35 -8.99 -1.59
CA LEU A 249 23.14 -7.98 -0.89
C LEU A 249 23.24 -8.24 0.60
N TRP A 250 22.08 -8.53 1.20
CA TRP A 250 22.04 -8.87 2.62
C TRP A 250 23.07 -9.96 2.93
N TRP A 251 23.08 -11.02 2.12
CA TRP A 251 23.97 -12.15 2.36
C TRP A 251 25.44 -11.82 2.05
N ASN A 252 25.65 -10.91 1.12
CA ASN A 252 26.99 -10.41 0.78
C ASN A 252 27.55 -9.70 2.02
N ILE A 253 26.78 -8.76 2.55
CA ILE A 253 27.18 -7.98 3.75
C ILE A 253 27.37 -8.92 4.93
N PHE A 254 26.42 -9.83 5.12
CA PHE A 254 26.54 -10.75 6.22
C PHE A 254 27.81 -11.58 6.13
N THR A 255 28.03 -12.19 4.97
CA THR A 255 29.15 -13.10 4.81
C THR A 255 30.50 -12.36 4.90
N THR A 256 30.57 -11.16 4.35
CA THR A 256 31.83 -10.40 4.24
C THR A 256 32.14 -9.65 5.54
N ASN A 257 31.13 -8.94 6.06
CA ASN A 257 31.32 -7.97 7.14
C ASN A 257 30.85 -8.43 8.50
N VAL A 258 29.91 -9.36 8.56
CA VAL A 258 29.37 -9.77 9.85
C VAL A 258 29.88 -11.12 10.34
N LEU A 259 29.92 -12.11 9.48
CA LEU A 259 30.42 -13.43 9.84
C LEU A 259 31.80 -13.42 10.56
N PRO A 260 32.77 -12.60 10.08
CA PRO A 260 34.03 -12.55 10.83
C PRO A 260 33.92 -12.07 12.30
N LEU A 261 32.92 -11.27 12.60
CA LEU A 261 32.67 -10.80 13.98
C LEU A 261 32.09 -11.88 14.90
N LEU A 262 31.50 -12.91 14.30
CA LEU A 262 30.83 -13.97 15.03
C LEU A 262 31.77 -15.12 15.43
N GLN A 263 33.07 -14.95 15.17
CA GLN A 263 34.06 -16.00 15.41
C GLN A 263 34.30 -16.26 16.91
N MET B 2 -24.77 18.66 -8.95
CA MET B 2 -25.33 19.49 -10.06
C MET B 2 -25.25 18.74 -11.40
N THR B 3 -25.80 19.34 -12.47
CA THR B 3 -25.70 18.75 -13.82
C THR B 3 -24.32 18.95 -14.51
N ASP B 4 -23.45 19.77 -13.93
CA ASP B 4 -22.09 19.98 -14.47
C ASP B 4 -21.01 19.11 -13.79
N GLN B 5 -21.40 18.18 -12.93
CA GLN B 5 -20.45 17.18 -12.40
C GLN B 5 -20.96 15.77 -12.65
N ALA B 6 -20.05 14.83 -12.83
CA ALA B 6 -20.41 13.45 -13.16
C ALA B 6 -19.49 12.42 -12.56
N PHE B 7 -20.07 11.24 -12.31
CA PHE B 7 -19.32 9.98 -12.17
C PHE B 7 -19.16 9.40 -13.55
N VAL B 8 -17.93 8.97 -13.88
CA VAL B 8 -17.59 8.43 -15.18
C VAL B 8 -16.98 7.05 -15.05
N THR B 9 -17.45 6.11 -15.86
CA THR B 9 -16.83 4.79 -15.92
C THR B 9 -16.59 4.42 -17.38
N LEU B 10 -16.07 3.21 -17.61
CA LEU B 10 -15.61 2.75 -18.93
C LEU B 10 -15.90 1.28 -19.10
N THR B 11 -16.45 0.90 -20.25
CA THR B 11 -16.44 -0.50 -20.63
C THR B 11 -16.14 -0.68 -22.11
N THR B 12 -15.27 -1.64 -22.40
CA THR B 12 -14.88 -1.93 -23.75
C THR B 12 -15.57 -3.20 -24.28
N ASN B 13 -16.32 -3.91 -23.42
CA ASN B 13 -16.97 -5.12 -23.80
C ASN B 13 -18.14 -5.43 -22.88
N ASP B 14 -18.91 -6.45 -23.24
CA ASP B 14 -20.15 -6.75 -22.54
C ASP B 14 -19.95 -7.30 -21.15
N ALA B 15 -18.77 -7.83 -20.87
CA ALA B 15 -18.44 -8.39 -19.57
C ALA B 15 -18.23 -7.30 -18.54
N TYR B 16 -17.36 -6.34 -18.85
CA TYR B 16 -17.14 -5.22 -18.00
C TYR B 16 -18.41 -4.34 -17.93
N ALA B 17 -19.25 -4.36 -18.97
CA ALA B 17 -20.54 -3.67 -18.92
C ALA B 17 -21.37 -4.09 -17.72
N LYS B 18 -21.30 -5.38 -17.35
CA LYS B 18 -22.01 -5.88 -16.18
C LYS B 18 -21.52 -5.19 -14.91
N GLY B 19 -20.21 -5.01 -14.81
CA GLY B 19 -19.66 -4.20 -13.71
C GLY B 19 -20.15 -2.75 -13.73
N ALA B 20 -20.11 -2.13 -14.91
CA ALA B 20 -20.55 -0.74 -15.04
C ALA B 20 -22.01 -0.59 -14.61
N LEU B 21 -22.83 -1.56 -15.01
CA LEU B 21 -24.26 -1.54 -14.63
C LEU B 21 -24.47 -1.64 -13.10
N VAL B 22 -23.73 -2.52 -12.44
CA VAL B 22 -23.80 -2.68 -11.00
C VAL B 22 -23.28 -1.39 -10.31
N LEU B 23 -22.16 -0.84 -10.80
CA LEU B 23 -21.63 0.39 -10.23
C LEU B 23 -22.67 1.53 -10.33
N GLY B 24 -23.22 1.72 -11.51
CA GLY B 24 -24.22 2.79 -11.72
C GLY B 24 -25.45 2.56 -10.87
N SER B 25 -25.90 1.31 -10.76
CA SER B 25 -27.02 1.00 -9.88
C SER B 25 -26.70 1.37 -8.44
N SER B 26 -25.47 1.09 -8.00
CA SER B 26 -25.07 1.36 -6.62
C SER B 26 -24.98 2.86 -6.34
N LEU B 27 -24.60 3.64 -7.35
CA LEU B 27 -24.57 5.13 -7.23
C LEU B 27 -25.98 5.70 -7.11
N LYS B 28 -26.94 5.13 -7.84
CA LYS B 28 -28.35 5.43 -7.64
C LYS B 28 -28.88 5.02 -6.27
N GLN B 29 -28.55 3.79 -5.85
CA GLN B 29 -28.95 3.31 -4.53
C GLN B 29 -28.58 4.31 -3.44
N HIS B 30 -27.38 4.88 -3.56
CA HIS B 30 -26.86 5.80 -2.56
C HIS B 30 -27.06 7.29 -2.90
N ARG B 31 -28.04 7.53 -3.77
CA ARG B 31 -28.65 8.86 -3.93
C ARG B 31 -27.66 9.92 -4.35
N THR B 32 -26.86 9.61 -5.36
CA THR B 32 -25.99 10.65 -5.90
C THR B 32 -26.87 11.73 -6.54
N THR B 33 -26.42 12.96 -6.42
CA THR B 33 -27.05 14.07 -7.12
C THR B 33 -26.30 14.45 -8.40
N ARG B 34 -25.24 13.71 -8.75
CA ARG B 34 -24.45 13.96 -9.97
C ARG B 34 -24.93 13.08 -11.11
N ARG B 35 -24.49 13.44 -12.31
CA ARG B 35 -24.80 12.68 -13.52
C ARG B 35 -23.96 11.43 -13.56
N LEU B 36 -24.46 10.43 -14.26
CA LEU B 36 -23.79 9.16 -14.45
C LEU B 36 -23.43 8.97 -15.92
N VAL B 37 -22.14 8.77 -16.19
CA VAL B 37 -21.65 8.66 -17.57
C VAL B 37 -20.84 7.38 -17.74
N VAL B 38 -21.05 6.69 -18.85
CA VAL B 38 -20.18 5.56 -19.19
C VAL B 38 -19.60 5.78 -20.57
N LEU B 39 -18.30 5.59 -20.68
CA LEU B 39 -17.59 5.59 -21.96
C LEU B 39 -17.67 4.14 -22.50
N ALA B 40 -18.07 3.99 -23.76
CA ALA B 40 -18.22 2.65 -24.33
C ALA B 40 -17.53 2.61 -25.68
N THR B 41 -17.00 1.44 -26.06
CA THR B 41 -16.33 1.32 -27.34
C THR B 41 -17.22 0.48 -28.26
N PRO B 42 -16.88 0.39 -29.55
CA PRO B 42 -17.75 -0.33 -30.51
C PRO B 42 -17.89 -1.85 -30.25
N GLN B 43 -17.02 -2.43 -29.44
CA GLN B 43 -17.09 -3.84 -29.13
C GLN B 43 -18.21 -4.17 -28.10
N VAL B 44 -18.72 -3.16 -27.43
CA VAL B 44 -19.92 -3.31 -26.60
C VAL B 44 -21.10 -3.50 -27.58
N SER B 45 -21.90 -4.53 -27.38
CA SER B 45 -22.96 -4.85 -28.34
C SER B 45 -24.02 -3.74 -28.38
N ASP B 46 -24.72 -3.67 -29.49
CA ASP B 46 -25.77 -2.67 -29.70
C ASP B 46 -26.82 -2.83 -28.59
N SER B 47 -27.17 -4.08 -28.25
CA SER B 47 -28.15 -4.29 -27.18
C SER B 47 -27.63 -3.85 -25.82
N MET B 48 -26.36 -4.16 -25.50
CA MET B 48 -25.80 -3.75 -24.22
C MET B 48 -25.71 -2.24 -24.10
N ARG B 49 -25.35 -1.56 -25.20
CA ARG B 49 -25.28 -0.10 -25.20
CA ARG B 49 -25.28 -0.09 -25.20
C ARG B 49 -26.63 0.50 -24.81
N LYS B 50 -27.69 -0.07 -25.36
CA LYS B 50 -29.07 0.34 -24.99
C LYS B 50 -29.36 0.07 -23.51
N VAL B 51 -28.95 -1.08 -22.98
CA VAL B 51 -29.11 -1.36 -21.56
C VAL B 51 -28.36 -0.29 -20.74
N LEU B 52 -27.12 0.00 -21.12
CA LEU B 52 -26.34 1.03 -20.43
C LEU B 52 -27.07 2.38 -20.39
N GLU B 53 -27.76 2.73 -21.49
CA GLU B 53 -28.47 4.01 -21.62
C GLU B 53 -29.61 4.10 -20.61
N THR B 54 -30.07 2.95 -20.11
CA THR B 54 -31.13 2.96 -19.09
C THR B 54 -30.62 3.32 -17.68
N VAL B 55 -29.41 2.86 -17.32
CA VAL B 55 -28.80 3.10 -16.01
C VAL B 55 -28.02 4.41 -15.98
N PHE B 56 -27.31 4.69 -17.07
CA PHE B 56 -26.49 5.89 -17.19
C PHE B 56 -27.22 7.04 -17.84
N ASP B 57 -26.86 8.26 -17.46
CA ASP B 57 -27.43 9.46 -18.08
C ASP B 57 -26.86 9.73 -19.47
N GLU B 58 -25.57 9.44 -19.65
CA GLU B 58 -24.94 9.51 -20.96
C GLU B 58 -24.13 8.22 -21.22
N VAL B 59 -24.27 7.69 -22.43
CA VAL B 59 -23.43 6.61 -22.96
C VAL B 59 -22.63 7.24 -24.11
N ILE B 60 -21.34 7.44 -23.88
CA ILE B 60 -20.48 8.16 -24.82
C ILE B 60 -19.52 7.22 -25.55
N MET B 61 -19.71 7.13 -26.87
CA MET B 61 -18.92 6.24 -27.72
C MET B 61 -17.53 6.81 -27.97
N VAL B 62 -16.53 5.98 -27.74
CA VAL B 62 -15.14 6.36 -27.94
C VAL B 62 -14.43 5.18 -28.60
N ASP B 63 -13.25 5.46 -29.17
CA ASP B 63 -12.38 4.46 -29.78
CA ASP B 63 -12.47 4.38 -29.75
C ASP B 63 -11.51 3.80 -28.72
N VAL B 64 -11.17 2.54 -28.90
CA VAL B 64 -10.22 1.88 -28.02
C VAL B 64 -8.86 2.54 -28.20
N LEU B 65 -8.21 2.84 -27.09
CA LEU B 65 -6.79 3.21 -27.07
C LEU B 65 -6.07 2.02 -26.39
N ASP B 66 -5.07 1.48 -27.05
CA ASP B 66 -4.48 0.25 -26.59
C ASP B 66 -2.96 0.38 -26.57
N SER B 67 -2.35 0.10 -25.42
CA SER B 67 -0.89 0.18 -25.30
C SER B 67 -0.16 -0.84 -26.15
N GLY B 68 -0.79 -1.99 -26.40
CA GLY B 68 -0.11 -3.05 -27.15
C GLY B 68 1.01 -3.67 -26.34
N ARG B 78 -1.91 -10.41 -17.45
CA ARG B 78 -3.16 -9.74 -17.82
C ARG B 78 -3.00 -8.90 -19.09
N PRO B 79 -2.91 -9.57 -20.24
CA PRO B 79 -2.65 -8.89 -21.50
C PRO B 79 -3.86 -8.09 -22.01
N GLU B 80 -5.04 -8.40 -21.48
CA GLU B 80 -6.26 -7.66 -21.81
C GLU B 80 -6.20 -6.20 -21.37
N LEU B 81 -5.33 -5.90 -20.40
CA LEU B 81 -5.31 -4.58 -19.80
C LEU B 81 -4.74 -3.46 -20.68
N GLY B 82 -4.22 -3.77 -21.86
CA GLY B 82 -3.69 -2.71 -22.73
C GLY B 82 -4.77 -1.68 -23.10
N VAL B 83 -6.02 -2.16 -23.17
CA VAL B 83 -7.16 -1.30 -23.52
C VAL B 83 -7.50 -0.28 -22.45
N THR B 84 -6.90 -0.41 -21.26
CA THR B 84 -7.18 0.54 -20.22
C THR B 84 -6.71 1.97 -20.54
N LEU B 85 -5.83 2.17 -21.53
CA LEU B 85 -5.54 3.53 -22.02
CA LEU B 85 -5.54 3.53 -22.01
C LEU B 85 -6.80 4.26 -22.50
N THR B 86 -7.81 3.49 -22.91
CA THR B 86 -9.11 4.06 -23.29
C THR B 86 -9.68 5.00 -22.21
N LYS B 87 -9.28 4.81 -20.95
CA LYS B 87 -9.72 5.69 -19.85
C LYS B 87 -9.36 7.15 -20.10
N LEU B 88 -8.27 7.37 -20.83
CA LEU B 88 -7.77 8.73 -21.04
C LEU B 88 -8.82 9.63 -21.70
N HIS B 89 -9.75 9.03 -22.46
CA HIS B 89 -10.90 9.79 -23.01
C HIS B 89 -11.78 10.51 -21.98
N CYS B 90 -11.69 10.12 -20.72
CA CYS B 90 -12.48 10.77 -19.67
C CYS B 90 -12.18 12.29 -19.61
N TRP B 91 -10.98 12.70 -20.03
CA TRP B 91 -10.60 14.14 -20.02
C TRP B 91 -11.26 14.90 -21.15
N SER B 92 -11.85 14.19 -22.12
CA SER B 92 -12.52 14.86 -23.20
C SER B 92 -13.94 15.37 -22.88
N LEU B 93 -14.43 15.04 -21.68
CA LEU B 93 -15.83 15.28 -21.32
C LEU B 93 -16.01 16.69 -20.75
N THR B 94 -15.76 17.70 -21.58
CA THR B 94 -15.71 19.08 -21.11
C THR B 94 -17.10 19.69 -20.85
N GLN B 95 -18.17 18.93 -21.09
CA GLN B 95 -19.51 19.34 -20.63
C GLN B 95 -19.59 19.34 -19.10
N TYR B 96 -18.61 18.71 -18.44
CA TYR B 96 -18.52 18.68 -16.98
C TYR B 96 -17.30 19.44 -16.50
N SER B 97 -17.48 20.16 -15.40
CA SER B 97 -16.41 20.92 -14.76
C SER B 97 -15.53 20.02 -13.90
N LYS B 98 -16.10 18.96 -13.35
CA LYS B 98 -15.35 18.07 -12.48
C LYS B 98 -16.02 16.71 -12.51
N CYS B 99 -15.20 15.66 -12.48
CA CYS B 99 -15.72 14.31 -12.54
C CYS B 99 -14.96 13.40 -11.60
N VAL B 100 -15.62 12.32 -11.21
CA VAL B 100 -14.95 11.23 -10.52
C VAL B 100 -14.96 10.03 -11.48
N PHE B 101 -13.77 9.61 -11.90
CA PHE B 101 -13.63 8.38 -12.64
C PHE B 101 -13.64 7.18 -11.67
N MET B 102 -14.44 6.19 -12.01
CA MET B 102 -14.50 4.92 -11.28
C MET B 102 -14.45 3.73 -12.23
N ASP B 103 -13.50 2.82 -11.98
CA ASP B 103 -13.41 1.57 -12.72
C ASP B 103 -14.78 0.84 -12.73
N ALA B 104 -15.03 0.11 -13.79
CA ALA B 104 -16.25 -0.67 -13.93
C ALA B 104 -16.31 -1.84 -12.92
N ASP B 105 -15.17 -2.15 -12.27
CA ASP B 105 -15.12 -3.17 -11.23
C ASP B 105 -15.15 -2.57 -9.81
N THR B 106 -15.83 -1.44 -9.63
CA THR B 106 -16.06 -0.88 -8.30
C THR B 106 -17.54 -0.94 -7.93
N LEU B 107 -17.79 -0.70 -6.64
CA LEU B 107 -19.11 -0.85 -6.05
C LEU B 107 -19.23 0.17 -4.93
N VAL B 108 -20.27 0.99 -4.99
CA VAL B 108 -20.50 2.02 -3.97
C VAL B 108 -21.44 1.48 -2.84
N LEU B 109 -21.02 1.74 -1.60
CA LEU B 109 -21.70 1.31 -0.36
C LEU B 109 -22.36 2.45 0.42
N ALA B 110 -22.03 3.68 0.04
CA ALA B 110 -22.54 4.85 0.73
C ALA B 110 -22.30 6.02 -0.17
N ASN B 111 -23.03 7.10 0.04
CA ASN B 111 -22.87 8.29 -0.80
C ASN B 111 -21.44 8.83 -0.73
N ILE B 112 -20.87 9.12 -1.89
CA ILE B 112 -19.50 9.63 -2.05
C ILE B 112 -19.47 10.93 -2.82
N ASP B 113 -20.57 11.68 -2.81
CA ASP B 113 -20.62 12.97 -3.50
C ASP B 113 -19.65 13.99 -2.90
N ASP B 114 -19.18 13.77 -1.67
CA ASP B 114 -18.19 14.68 -1.13
C ASP B 114 -16.83 14.63 -1.86
N LEU B 115 -16.63 13.63 -2.72
CA LEU B 115 -15.45 13.57 -3.59
C LEU B 115 -15.36 14.80 -4.47
N PHE B 116 -16.49 15.43 -4.77
CA PHE B 116 -16.49 16.64 -5.60
C PHE B 116 -15.94 17.87 -4.89
N ASP B 117 -15.64 17.77 -3.59
CA ASP B 117 -14.86 18.83 -2.94
C ASP B 117 -13.37 18.75 -3.24
N ARG B 118 -12.92 17.61 -3.78
CA ARG B 118 -11.49 17.39 -4.10
C ARG B 118 -11.11 18.04 -5.43
N GLU B 119 -9.81 18.21 -5.63
CA GLU B 119 -9.23 18.81 -6.84
C GLU B 119 -8.42 17.80 -7.63
N GLU B 120 -8.35 18.01 -8.93
CA GLU B 120 -7.49 17.19 -9.77
C GLU B 120 -6.01 17.31 -9.32
N LEU B 121 -5.27 16.21 -9.24
CA LEU B 121 -5.71 14.82 -9.36
C LEU B 121 -5.75 14.25 -7.94
N SER B 122 -6.94 13.87 -7.47
CA SER B 122 -7.10 13.21 -6.18
C SER B 122 -7.38 11.72 -6.39
N ALA B 123 -6.63 10.89 -5.66
CA ALA B 123 -6.71 9.45 -5.77
C ALA B 123 -6.13 8.82 -4.51
N ALA B 124 -6.39 7.54 -4.33
CA ALA B 124 -5.89 6.82 -3.18
C ALA B 124 -4.53 6.18 -3.48
N PRO B 125 -3.63 6.09 -2.50
CA PRO B 125 -2.36 5.36 -2.69
C PRO B 125 -2.57 3.90 -3.09
N ASP B 126 -1.76 3.45 -4.03
CA ASP B 126 -1.81 2.05 -4.50
C ASP B 126 -1.05 1.07 -3.58
N PRO B 127 -1.75 0.04 -3.07
CA PRO B 127 -0.99 -0.98 -2.35
C PRO B 127 0.17 -1.57 -3.16
N GLY B 128 1.28 -1.91 -2.49
CA GLY B 128 2.47 -2.43 -3.11
C GLY B 128 3.47 -1.36 -3.48
N TRP B 129 3.02 -0.24 -4.03
CA TRP B 129 3.93 0.89 -4.27
C TRP B 129 3.12 2.16 -4.03
N PRO B 130 2.99 2.56 -2.75
CA PRO B 130 2.01 3.58 -2.41
C PRO B 130 2.46 5.01 -2.65
N ASP B 131 3.61 5.21 -3.25
CA ASP B 131 3.94 6.55 -3.78
C ASP B 131 3.37 6.74 -5.20
N CYS B 132 2.73 5.71 -5.76
CA CYS B 132 1.87 5.86 -6.91
C CYS B 132 0.43 5.74 -6.45
N PHE B 133 -0.47 6.43 -7.13
CA PHE B 133 -1.89 6.32 -6.81
C PHE B 133 -2.54 5.22 -7.63
N ASN B 134 -3.55 4.58 -7.03
CA ASN B 134 -4.37 3.63 -7.77
C ASN B 134 -5.32 4.41 -8.67
N SER B 135 -5.34 4.08 -9.95
CA SER B 135 -6.18 4.83 -10.87
C SER B 135 -7.60 4.23 -11.07
N GLY B 136 -8.07 3.39 -10.13
CA GLY B 136 -9.44 2.91 -10.21
C GLY B 136 -10.48 3.89 -9.75
N VAL B 137 -10.10 4.89 -8.95
CA VAL B 137 -11.03 5.92 -8.48
C VAL B 137 -10.22 7.21 -8.45
N PHE B 138 -10.65 8.22 -9.21
CA PHE B 138 -9.94 9.47 -9.15
C PHE B 138 -10.81 10.66 -9.48
N VAL B 139 -10.49 11.79 -8.86
CA VAL B 139 -11.15 13.05 -9.12
C VAL B 139 -10.33 13.89 -10.10
N TYR B 140 -10.95 14.32 -11.19
CA TYR B 140 -10.25 15.05 -12.22
C TYR B 140 -11.12 16.15 -12.81
N GLN B 141 -10.47 17.01 -13.59
CA GLN B 141 -11.16 18.07 -14.33
C GLN B 141 -11.01 17.89 -15.83
N PRO B 142 -12.10 17.62 -16.53
CA PRO B 142 -12.04 17.57 -17.99
C PRO B 142 -11.39 18.82 -18.64
N SER B 143 -10.59 18.59 -19.68
CA SER B 143 -9.81 19.63 -20.31
C SER B 143 -9.26 19.07 -21.61
N VAL B 144 -9.55 19.73 -22.73
CA VAL B 144 -8.98 19.32 -24.01
C VAL B 144 -7.45 19.37 -23.97
N GLU B 145 -6.88 20.37 -23.30
CA GLU B 145 -5.43 20.49 -23.20
CA GLU B 145 -5.43 20.47 -23.22
C GLU B 145 -4.86 19.28 -22.47
N THR B 146 -5.41 18.98 -21.31
CA THR B 146 -4.95 17.82 -20.55
C THR B 146 -5.09 16.53 -21.34
N TYR B 147 -6.24 16.37 -21.97
CA TYR B 147 -6.52 15.23 -22.84
C TYR B 147 -5.45 15.06 -23.92
N ASN B 148 -5.12 16.14 -24.62
CA ASN B 148 -4.12 16.08 -25.66
C ASN B 148 -2.74 15.70 -25.12
N GLN B 149 -2.41 16.24 -23.94
CA GLN B 149 -1.15 15.97 -23.29
C GLN B 149 -1.03 14.47 -22.89
N LEU B 150 -2.12 13.92 -22.39
CA LEU B 150 -2.18 12.51 -22.00
C LEU B 150 -2.08 11.63 -23.24
N LEU B 151 -2.77 12.00 -24.32
CA LEU B 151 -2.64 11.26 -25.56
C LEU B 151 -1.22 11.30 -26.09
N HIS B 152 -0.57 12.45 -25.95
CA HIS B 152 0.81 12.59 -26.38
C HIS B 152 1.72 11.66 -25.57
N LEU B 153 1.62 11.73 -24.26
CA LEU B 153 2.39 10.84 -23.38
C LEU B 153 2.19 9.36 -23.77
N ALA B 154 0.94 8.95 -23.95
CA ALA B 154 0.61 7.57 -24.34
C ALA B 154 1.37 7.17 -25.63
N SER B 155 1.40 8.06 -26.62
CA SER B 155 2.11 7.79 -27.89
C SER B 155 3.61 7.75 -27.77
N GLU B 156 4.17 8.73 -27.07
CA GLU B 156 5.58 8.98 -27.18
C GLU B 156 6.38 8.23 -26.12
N GLN B 157 5.79 8.03 -24.95
CA GLN B 157 6.51 7.32 -23.87
C GLN B 157 5.86 6.01 -23.45
N GLY B 158 4.57 5.89 -23.72
CA GLY B 158 3.81 4.72 -23.31
C GLY B 158 3.62 4.74 -21.81
N SER B 159 3.28 3.57 -21.27
CA SER B 159 2.99 3.43 -19.84
C SER B 159 3.94 2.45 -19.16
N PHE B 160 4.49 2.81 -18.00
CA PHE B 160 5.43 1.90 -17.34
C PHE B 160 4.78 0.61 -16.85
N ASP B 161 3.45 0.56 -16.76
CA ASP B 161 2.77 -0.71 -16.41
C ASP B 161 1.90 -1.26 -17.53
N GLY B 162 2.02 -0.67 -18.72
CA GLY B 162 1.26 -1.11 -19.87
C GLY B 162 -0.21 -0.72 -19.84
N GLY B 163 -0.62 0.02 -18.81
CA GLY B 163 -2.04 0.44 -18.63
C GLY B 163 -2.15 1.93 -18.33
N ASP B 164 -3.35 2.38 -17.95
CA ASP B 164 -3.55 3.80 -17.65
C ASP B 164 -2.78 4.27 -16.41
N GLN B 165 -2.62 3.39 -15.42
CA GLN B 165 -2.04 3.84 -14.15
C GLN B 165 -0.64 4.36 -14.30
N GLY B 166 0.20 3.69 -15.08
CA GLY B 166 1.55 4.20 -15.31
C GLY B 166 1.55 5.60 -15.94
N ILE B 167 0.78 5.76 -17.01
CA ILE B 167 0.60 7.06 -17.68
CA ILE B 167 0.67 7.05 -17.67
C ILE B 167 0.15 8.14 -16.74
N LEU B 168 -0.90 7.85 -15.98
CA LEU B 168 -1.47 8.86 -15.12
C LEU B 168 -0.50 9.26 -14.01
N ASN B 169 0.24 8.29 -13.46
CA ASN B 169 1.19 8.57 -12.41
C ASN B 169 2.39 9.36 -12.94
N THR B 170 2.76 9.09 -14.19
CA THR B 170 3.82 9.85 -14.84
C THR B 170 3.38 11.30 -15.07
N PHE B 171 2.17 11.50 -15.61
CA PHE B 171 1.68 12.83 -15.90
C PHE B 171 1.47 13.64 -14.61
N PHE B 172 0.83 13.02 -13.61
CA PHE B 172 0.55 13.71 -12.34
C PHE B 172 1.61 13.37 -11.27
N SER B 173 2.87 13.40 -11.67
CA SER B 173 4.00 12.90 -10.85
C SER B 173 4.31 13.53 -9.48
N SER B 174 3.69 14.64 -9.15
CA SER B 174 3.87 15.24 -7.84
C SER B 174 2.77 14.88 -6.83
N TRP B 175 1.86 13.99 -7.23
CA TRP B 175 0.78 13.54 -6.36
C TRP B 175 1.33 13.11 -5.00
N ALA B 176 2.40 12.32 -4.96
CA ALA B 176 2.85 11.72 -3.69
C ALA B 176 3.36 12.78 -2.69
N THR B 177 3.88 13.91 -3.16
CA THR B 177 4.63 14.82 -2.28
C THR B 177 4.08 16.23 -2.15
N THR B 178 3.12 16.63 -2.99
CA THR B 178 2.78 18.05 -3.05
C THR B 178 1.66 18.44 -2.08
N ASP B 179 0.49 17.85 -2.26
CA ASP B 179 -0.74 18.26 -1.57
C ASP B 179 -1.50 17.06 -1.00
N ILE B 180 -1.48 16.94 0.32
CA ILE B 180 -2.07 15.79 1.02
C ILE B 180 -3.58 15.74 0.88
N ARG B 181 -4.20 16.85 0.53
CA ARG B 181 -5.65 16.85 0.30
C ARG B 181 -6.01 16.10 -0.98
N LYS B 182 -5.02 15.77 -1.80
CA LYS B 182 -5.27 15.01 -3.01
C LYS B 182 -5.09 13.51 -2.77
N HIS B 183 -4.79 13.11 -1.52
CA HIS B 183 -4.65 11.70 -1.14
C HIS B 183 -5.99 11.26 -0.57
N LEU B 184 -6.68 10.43 -1.32
CA LEU B 184 -7.98 9.94 -0.87
C LEU B 184 -7.77 8.84 0.14
N PRO B 185 -8.58 8.83 1.22
CA PRO B 185 -8.49 7.73 2.18
C PRO B 185 -9.10 6.46 1.59
N PHE B 186 -8.83 5.34 2.27
CA PHE B 186 -9.17 4.02 1.77
C PHE B 186 -10.65 3.80 1.57
N ILE B 187 -11.45 4.58 2.28
CA ILE B 187 -12.88 4.42 2.24
C ILE B 187 -13.39 4.68 0.83
N TYR B 188 -12.60 5.38 -0.03
CA TYR B 188 -13.03 5.65 -1.42
C TYR B 188 -12.47 4.69 -2.46
N ASN B 189 -11.71 3.69 -2.03
CA ASN B 189 -11.11 2.73 -2.95
C ASN B 189 -10.46 1.63 -2.11
N LEU B 190 -11.26 0.70 -1.61
CA LEU B 190 -10.75 -0.38 -0.79
C LEU B 190 -10.71 -1.66 -1.60
N SER B 191 -9.52 -2.26 -1.68
CA SER B 191 -9.36 -3.52 -2.42
C SER B 191 -9.10 -4.67 -1.45
N SER B 192 -9.43 -5.89 -1.87
CA SER B 192 -9.21 -7.08 -1.05
C SER B 192 -7.72 -7.35 -0.83
N ILE B 193 -6.84 -6.85 -1.69
CA ILE B 193 -5.38 -6.98 -1.49
CA ILE B 193 -5.40 -7.05 -1.46
C ILE B 193 -4.98 -6.38 -0.16
N SER B 194 -5.62 -5.24 0.16
CA SER B 194 -5.35 -4.53 1.43
C SER B 194 -5.85 -5.30 2.65
N ILE B 195 -7.04 -5.90 2.54
CA ILE B 195 -7.66 -6.66 3.59
C ILE B 195 -6.79 -7.88 3.86
N PHE B 196 -6.34 -8.51 2.77
CA PHE B 196 -5.47 -9.68 2.89
C PHE B 196 -4.11 -9.31 3.48
N SER B 197 -3.58 -8.15 3.09
CA SER B 197 -2.24 -7.73 3.55
C SER B 197 -2.20 -7.34 5.02
N TYR B 198 -3.26 -6.68 5.49
CA TYR B 198 -3.29 -6.17 6.86
C TYR B 198 -4.66 -6.27 7.44
N LEU B 199 -5.08 -7.51 7.71
CA LEU B 199 -6.40 -7.74 8.22
C LEU B 199 -6.74 -6.97 9.50
N PRO B 200 -5.77 -6.79 10.42
CA PRO B 200 -6.10 -6.01 11.62
C PRO B 200 -6.69 -4.61 11.32
N ALA B 201 -6.16 -3.94 10.32
CA ALA B 201 -6.67 -2.61 9.92
C ALA B 201 -8.09 -2.72 9.42
N PHE B 202 -8.38 -3.74 8.61
CA PHE B 202 -9.73 -3.93 8.11
C PHE B 202 -10.70 -4.18 9.21
N LYS B 203 -10.29 -4.98 10.21
CA LYS B 203 -11.20 -5.25 11.29
C LYS B 203 -11.55 -3.99 12.09
N VAL B 204 -10.60 -3.08 12.29
CA VAL B 204 -10.89 -1.91 13.13
CA VAL B 204 -10.88 -1.90 13.12
C VAL B 204 -11.48 -0.73 12.35
N PHE B 205 -11.08 -0.57 11.09
CA PHE B 205 -11.48 0.58 10.29
C PHE B 205 -12.46 0.25 9.18
N GLY B 206 -12.57 -1.05 8.83
CA GLY B 206 -13.15 -1.45 7.54
C GLY B 206 -14.62 -1.17 7.35
N ALA B 207 -15.35 -1.07 8.46
CA ALA B 207 -16.79 -0.81 8.40
C ALA B 207 -17.08 0.57 7.79
N SER B 208 -16.08 1.44 7.79
CA SER B 208 -16.17 2.78 7.21
C SER B 208 -16.09 2.81 5.70
N ALA B 209 -15.76 1.67 5.04
CA ALA B 209 -15.55 1.68 3.60
C ALA B 209 -16.81 2.15 2.86
N LYS B 210 -16.63 3.02 1.87
CA LYS B 210 -17.72 3.49 1.01
CA LYS B 210 -17.72 3.50 1.02
C LYS B 210 -17.66 2.96 -0.42
N VAL B 211 -16.49 2.44 -0.81
CA VAL B 211 -16.27 1.92 -2.16
C VAL B 211 -15.42 0.67 -2.08
N VAL B 212 -15.91 -0.41 -2.67
CA VAL B 212 -15.14 -1.63 -2.85
C VAL B 212 -14.61 -1.71 -4.29
N HIS B 213 -13.34 -2.11 -4.42
CA HIS B 213 -12.71 -2.23 -5.71
C HIS B 213 -12.29 -3.68 -5.89
N PHE B 214 -12.90 -4.35 -6.87
CA PHE B 214 -12.63 -5.76 -7.15
C PHE B 214 -11.41 -5.93 -8.13
N LEU B 215 -10.31 -5.28 -7.75
CA LEU B 215 -9.03 -5.22 -8.48
C LEU B 215 -8.47 -6.63 -8.60
N GLY B 216 -7.91 -6.96 -9.75
CA GLY B 216 -7.29 -8.27 -10.00
C GLY B 216 -7.98 -9.06 -11.08
N ARG B 217 -7.37 -10.18 -11.48
CA ARG B 217 -7.79 -10.94 -12.64
C ARG B 217 -9.19 -11.57 -12.55
N VAL B 218 -9.63 -11.95 -11.36
CA VAL B 218 -10.91 -12.61 -11.17
C VAL B 218 -11.95 -11.59 -10.70
N LYS B 219 -12.84 -11.23 -11.64
CA LYS B 219 -13.83 -10.19 -11.39
C LYS B 219 -15.08 -10.82 -10.79
N PRO B 220 -15.97 -10.02 -10.22
CA PRO B 220 -17.17 -10.63 -9.64
C PRO B 220 -17.98 -11.46 -10.63
N TRP B 221 -18.02 -11.02 -11.89
CA TRP B 221 -18.77 -11.71 -12.91
C TRP B 221 -18.08 -12.97 -13.41
N ASN B 222 -16.86 -13.21 -12.92
CA ASN B 222 -16.14 -14.48 -13.13
C ASN B 222 -16.39 -15.51 -12.02
N TYR B 223 -16.91 -15.08 -10.88
CA TYR B 223 -17.36 -15.98 -9.82
C TYR B 223 -18.72 -16.53 -10.23
N THR B 224 -19.04 -17.76 -9.83
CA THR B 224 -20.41 -18.28 -10.00
C THR B 224 -21.14 -18.05 -8.68
N TYR B 225 -22.40 -17.63 -8.79
CA TYR B 225 -23.21 -17.27 -7.65
C TYR B 225 -24.44 -18.17 -7.60
N ASP B 226 -24.66 -18.77 -6.43
CA ASP B 226 -25.81 -19.64 -6.21
C ASP B 226 -26.78 -18.88 -5.29
N PRO B 227 -27.90 -18.37 -5.85
CA PRO B 227 -28.85 -17.64 -5.01
C PRO B 227 -29.58 -18.52 -4.01
N LYS B 228 -29.67 -19.83 -4.32
CA LYS B 228 -30.26 -20.81 -3.41
C LYS B 228 -29.44 -20.99 -2.13
N THR B 229 -28.11 -21.05 -2.24
CA THR B 229 -27.23 -21.19 -1.06
C THR B 229 -26.61 -19.85 -0.68
N LYS B 230 -26.95 -18.80 -1.42
CA LYS B 230 -26.45 -17.43 -1.18
C LYS B 230 -24.92 -17.33 -1.16
N SER B 231 -24.26 -18.13 -1.99
CA SER B 231 -22.81 -18.33 -1.91
C SER B 231 -22.13 -18.15 -3.26
N VAL B 232 -20.82 -17.86 -3.22
CA VAL B 232 -20.01 -17.68 -4.42
C VAL B 232 -18.77 -18.57 -4.43
N LYS B 233 -18.37 -19.00 -5.62
CA LYS B 233 -17.06 -19.62 -5.84
C LYS B 233 -16.58 -19.37 -7.28
N SER B 234 -15.27 -19.40 -7.50
CA SER B 234 -14.70 -19.24 -8.85
C SER B 234 -13.89 -20.46 -9.21
N GLU B 235 -14.02 -20.91 -10.46
CA GLU B 235 -13.24 -22.03 -10.98
C GLU B 235 -11.74 -21.68 -11.04
N ALA B 236 -11.43 -20.42 -11.35
CA ALA B 236 -10.05 -19.92 -11.33
C ALA B 236 -9.66 -19.40 -9.94
N HIS B 237 -8.42 -19.69 -9.54
CA HIS B 237 -7.91 -19.23 -8.25
C HIS B 237 -7.85 -17.71 -8.22
N ASP B 238 -8.26 -17.14 -7.10
CA ASP B 238 -8.27 -15.70 -6.93
C ASP B 238 -7.18 -15.26 -5.95
N PRO B 239 -6.05 -14.77 -6.47
CA PRO B 239 -4.92 -14.46 -5.57
C PRO B 239 -5.09 -13.19 -4.77
N ASN B 240 -6.15 -12.43 -5.05
CA ASN B 240 -6.48 -11.25 -4.27
C ASN B 240 -7.47 -11.56 -3.13
N MET B 241 -7.86 -12.82 -2.97
CA MET B 241 -8.68 -13.26 -1.84
C MET B 241 -9.89 -12.39 -1.67
N THR B 242 -10.64 -12.20 -2.76
CA THR B 242 -11.72 -11.23 -2.77
C THR B 242 -12.67 -11.48 -1.58
N HIS B 243 -12.93 -10.41 -0.84
CA HIS B 243 -13.66 -10.49 0.39
C HIS B 243 -15.07 -11.02 0.10
N PRO B 244 -15.45 -12.19 0.69
CA PRO B 244 -16.70 -12.84 0.27
C PRO B 244 -17.97 -12.00 0.50
N GLU B 245 -18.00 -11.25 1.60
CA GLU B 245 -19.13 -10.40 1.93
C GLU B 245 -19.36 -9.37 0.80
N PHE B 246 -18.27 -8.83 0.27
CA PHE B 246 -18.34 -7.85 -0.82
C PHE B 246 -18.83 -8.48 -2.13
N LEU B 247 -18.42 -9.72 -2.38
CA LEU B 247 -18.89 -10.41 -3.58
C LEU B 247 -20.39 -10.62 -3.50
N ILE B 248 -20.87 -10.91 -2.30
CA ILE B 248 -22.29 -11.13 -2.09
C ILE B 248 -23.06 -9.84 -2.29
N LEU B 249 -22.55 -8.72 -1.77
CA LEU B 249 -23.19 -7.42 -2.01
C LEU B 249 -23.28 -7.17 -3.53
N TRP B 250 -22.18 -7.43 -4.25
CA TRP B 250 -22.16 -7.25 -5.70
C TRP B 250 -23.23 -8.08 -6.40
N TRP B 251 -23.28 -9.38 -6.07
CA TRP B 251 -24.20 -10.28 -6.70
C TRP B 251 -25.66 -10.02 -6.32
N ASN B 252 -25.90 -9.51 -5.11
CA ASN B 252 -27.24 -9.14 -4.69
C ASN B 252 -27.76 -7.98 -5.59
N ILE B 253 -26.93 -6.97 -5.79
CA ILE B 253 -27.27 -5.86 -6.69
C ILE B 253 -27.41 -6.35 -8.13
N PHE B 254 -26.46 -7.14 -8.60
CA PHE B 254 -26.55 -7.64 -9.96
C PHE B 254 -27.83 -8.44 -10.21
N THR B 255 -28.14 -9.37 -9.30
CA THR B 255 -29.27 -10.25 -9.47
C THR B 255 -30.58 -9.50 -9.53
N THR B 256 -30.74 -8.55 -8.62
CA THR B 256 -32.03 -7.87 -8.46
C THR B 256 -32.18 -6.69 -9.45
N ASN B 257 -31.09 -5.96 -9.69
CA ASN B 257 -31.13 -4.70 -10.48
C ASN B 257 -30.66 -4.79 -11.92
N VAL B 258 -29.76 -5.72 -12.22
CA VAL B 258 -29.08 -5.74 -13.51
C VAL B 258 -29.44 -6.94 -14.37
N LEU B 259 -29.34 -8.13 -13.78
CA LEU B 259 -29.66 -9.35 -14.49
C LEU B 259 -31.01 -9.34 -15.23
N PRO B 260 -32.08 -8.77 -14.64
CA PRO B 260 -33.36 -8.76 -15.34
C PRO B 260 -33.37 -7.94 -16.64
N LEU B 261 -32.42 -7.01 -16.76
CA LEU B 261 -32.26 -6.22 -17.98
C LEU B 261 -31.57 -7.02 -19.08
N LEU B 262 -30.86 -8.08 -18.69
CA LEU B 262 -30.00 -8.83 -19.62
C LEU B 262 -30.56 -10.18 -20.01
N GLN B 263 -31.43 -10.71 -19.16
CA GLN B 263 -31.86 -12.09 -19.29
C GLN B 263 -33.36 -12.10 -19.01
MN MN C . 10.30 -5.53 9.81
N1 UDP D . 11.72 -8.25 16.56
C2 UDP D . 12.58 -8.89 17.43
N3 UDP D . 12.33 -10.19 17.76
C4 UDP D . 11.26 -10.87 17.24
C5 UDP D . 10.38 -10.23 16.36
C6 UDP D . 10.62 -8.93 16.03
O2 UDP D . 13.54 -8.31 17.94
O4 UDP D . 11.11 -12.03 17.60
C1' UDP D . 11.97 -6.85 16.28
C2' UDP D . 12.98 -6.62 15.18
O2' UDP D . 13.60 -5.35 15.27
C3' UDP D . 12.01 -6.62 14.00
C4' UDP D . 10.85 -5.80 14.52
O4' UDP D . 10.75 -6.24 15.89
O3' UDP D . 12.59 -6.17 12.78
C5' UDP D . 9.48 -5.97 13.88
O5' UDP D . 9.26 -7.34 13.56
PA UDP D . 9.30 -7.81 12.03
O1A UDP D . 9.40 -9.27 12.09
O2A UDP D . 10.34 -7.03 11.18
O3A UDP D . 7.85 -7.36 11.52
PB UDP D . 7.48 -7.11 9.96
O1B UDP D . 6.01 -6.81 10.02
O2B UDP D . 7.68 -8.35 9.21
O3B UDP D . 8.39 -6.01 9.48
C1 GOL E . 1.61 -5.38 5.52
O1 GOL E . 0.46 -4.61 5.24
C2 GOL E . 1.69 -5.82 6.98
O2 GOL E . 0.74 -6.82 7.27
C3 GOL E . 1.49 -4.63 7.90
O3 GOL E . 2.76 -4.04 8.01
C1 GOL F . 1.14 -10.77 6.92
O1 GOL F . 0.23 -10.47 5.90
C2 GOL F . 2.40 -11.39 6.33
O2 GOL F . 2.77 -10.87 5.06
C3 GOL F . 3.50 -11.32 7.38
O3 GOL F . 3.61 -10.10 8.12
C1 GLC G . 4.53 -3.76 10.92
C2 GLC G . 6.01 -3.37 10.70
C3 GLC G . 6.86 -3.82 11.86
C4 GLC G . 5.96 -3.92 13.12
C5 GLC G . 4.93 -5.03 13.00
C6 GLC G . 4.05 -5.23 14.26
O1 GLC G . 3.89 -3.97 9.66
O2 GLC G . 6.61 -3.79 9.44
O3 GLC G . 7.93 -2.89 11.99
O4 GLC G . 6.81 -4.27 14.18
O5 GLC G . 4.21 -4.88 11.77
O6 GLC G . 2.95 -4.33 14.49
C1 LCN H . 4.04 -5.37 10.93
C2 LCN H . 5.07 -4.55 10.64
O2 LCN H . 5.22 -4.07 9.42
C3 LCN H . 6.09 -4.22 11.68
O3 LCN H . 6.61 -2.89 11.44
C4 LCN H . 5.44 -4.32 13.06
O4 LCN H . 6.47 -4.17 14.01
C5 LCN H . 4.82 -5.69 13.29
O5 LCN H . 3.95 -6.04 12.22
C6 LCN H . 4.07 -5.71 14.63
O6 LCN H . 3.05 -4.68 14.65
MN MN I . -10.33 -2.12 -11.37
N1 UDP J . -11.63 -2.23 -18.84
C2 UDP J . -12.48 -2.50 -19.89
N3 UDP J . -12.25 -3.63 -20.67
C4 UDP J . -11.18 -4.48 -20.41
C5 UDP J . -10.32 -4.20 -19.35
C6 UDP J . -10.59 -3.09 -18.53
O2 UDP J . -13.48 -1.76 -20.06
O4 UDP J . -10.98 -5.46 -21.14
C1' UDP J . -11.90 -0.99 -18.04
C2' UDP J . -12.88 -1.20 -16.90
O2' UDP J . -13.51 0.06 -16.60
C3' UDP J . -11.94 -1.60 -15.79
C4' UDP J . -10.79 -0.64 -16.04
O4' UDP J . -10.70 -0.49 -17.47
O3' UDP J . -12.53 -1.50 -14.52
C5' UDP J . -9.46 -1.08 -15.42
O5' UDP J . -9.27 -2.47 -15.57
PA UDP J . -9.42 -3.45 -14.30
O1A UDP J . -10.44 -2.91 -13.23
O2A UDP J . -9.62 -4.80 -14.84
O3A UDP J . -7.94 -3.32 -13.68
PB UDP J . -7.59 -3.65 -12.15
O1B UDP J . -8.39 -2.71 -11.27
O2B UDP J . -7.99 -5.04 -11.92
O3B UDP J . -6.11 -3.52 -12.05
C1 GOL K . -29.90 -7.73 -23.86
O1 GOL K . -30.72 -6.70 -23.34
C2 GOL K . -28.66 -7.98 -23.02
O2 GOL K . -28.24 -9.34 -23.16
C3 GOL K . -27.57 -6.99 -23.41
O3 GOL K . -26.66 -7.54 -24.32
C1 GLC L . -4.31 -0.55 -11.90
C2 GLC L . -5.69 0.06 -11.52
C3 GLC L . -6.57 -0.02 -12.77
C4 GLC L . -5.68 0.11 -14.03
C5 GLC L . -4.81 -1.14 -14.22
C6 GLC L . -3.59 -1.02 -15.18
O1 GLC L . -3.57 -0.97 -10.74
O2 GLC L . -6.28 -0.64 -10.38
O3 GLC L . -7.65 0.94 -12.73
O4 GLC L . -6.47 0.22 -15.18
O5 GLC L . -4.46 -1.61 -12.90
O6 GLC L . -2.91 0.24 -15.30
#